data_7ZN6
#
_entry.id   7ZN6
#
_cell.length_a   74.855
_cell.length_b   74.855
_cell.length_c   118.948
_cell.angle_alpha   90.000
_cell.angle_beta   90.000
_cell.angle_gamma   90.000
#
_symmetry.space_group_name_H-M   'P 43'
#
loop_
_entity.id
_entity.type
_entity.pdbx_description
1 polymer 'Laccase-like multicopper oxidase 1'
2 branched 2-acetamido-2-deoxy-beta-D-glucopyranose-(1-4)-2-acetamido-2-deoxy-beta-D-glucopyranose
3 non-polymer 2-acetamido-2-deoxy-beta-D-glucopyranose
4 non-polymer 1,2-ETHANEDIOL
5 non-polymer GLYCEROL
6 non-polymer 'OXYGEN MOLECULE'
7 non-polymer 'COPPER (II) ION'
8 water water
#
_entity_poly.entity_id   1
_entity_poly.type   'polypeptide(L)'
_entity_poly.pdbx_seq_one_letter_code
;EFGTLVHDEQFIPDHILRVSVAQVPSACENREDVVVNGTSPGPAIHLLPGARTWIRVYNDMNDRNLSMHWHGLSQRFAPF
SDGTPSATQWPIPPGHFFDYEILTEPEDAGTYFYHSHVGMQALSCTGPLIVEDCGSSPYHYDDERILLFQDHFQKSDLEM
IQGLTSTQFTWTGETRGILLNGRGVSPNQAAVQGRPGEASGFFGSHRFSNFRAGDGTSNSWDGIRGDDQIEPPTDCTLPV
IDVEPGKTYRLRFIGATGLSLLTMGFEDHNDLTIVQVDGSEYNAPVTVDHIQLGGGQRFDVLLRTKTAEELRCNGDKTTY
FLQFETRDRPDPYRGYGVLRYNLGTPVPAAPTTPALTLPAEVNNWLEYTFQPLHPSSSLSPTAEEVTRRVILEAEQKIDP
ATGRLVWKLAHMTWTDMSRDKPVLVDIYERGEAAMPDYAAALTNYGWDPATKLFPAKKDEVLEIVIQNTGSHYSGASGIV
ETHPFHAHGQHFYDVGSGPGKYDPEANNAKLASLGYRPIKRDTTMVYRYGEGKVAPGEPAGWRAWRMKMNNPGVWMVHCH
ILAHMIMGMETIWVVGDAEDIVTIPLSVSQNYFTYGGSVYGNDTHAPEVYHYFDDTNKCCAAGAGDSEDSGHLEQKLISE
EDLNSAVDHHHHHH
;
_entity_poly.pdbx_strand_id   A
#
# COMPACT_ATOMS: atom_id res chain seq x y z
N PHE A 11 -13.03 29.96 -0.27
CA PHE A 11 -12.78 28.47 -0.15
C PHE A 11 -11.79 28.16 0.98
N ILE A 12 -12.26 27.45 2.01
CA ILE A 12 -11.44 26.91 3.15
C ILE A 12 -11.45 25.39 3.06
N PRO A 13 -10.27 24.73 2.96
CA PRO A 13 -10.20 23.27 2.99
C PRO A 13 -10.54 22.75 4.40
N ASP A 14 -11.11 21.55 4.50
CA ASP A 14 -11.48 20.88 5.77
C ASP A 14 -10.22 20.46 6.55
N HIS A 15 -9.19 19.94 5.87
CA HIS A 15 -7.90 19.50 6.47
C HIS A 15 -6.73 20.08 5.68
N ILE A 16 -5.59 20.29 6.34
CA ILE A 16 -4.35 20.81 5.68
C ILE A 16 -3.21 19.88 6.05
N LEU A 17 -2.41 19.50 5.05
CA LEU A 17 -1.14 18.75 5.26
C LEU A 17 -0.03 19.60 4.66
N ARG A 18 1.03 19.83 5.41
CA ARG A 18 2.20 20.60 4.96
C ARG A 18 3.37 19.63 4.82
N VAL A 19 3.89 19.48 3.61
CA VAL A 19 5.01 18.57 3.33
C VAL A 19 6.30 19.37 3.19
N SER A 20 7.33 18.94 3.90
CA SER A 20 8.64 19.60 3.99
C SER A 20 9.72 18.53 4.06
N VAL A 21 10.96 18.95 3.95
CA VAL A 21 12.15 18.07 4.14
C VAL A 21 12.70 18.45 5.50
N ALA A 22 12.91 17.49 6.38
CA ALA A 22 13.40 17.72 7.74
C ALA A 22 14.24 16.51 8.14
N GLN A 23 15.26 16.77 8.96
CA GLN A 23 16.07 15.75 9.67
C GLN A 23 15.17 15.16 10.77
N VAL A 24 14.86 13.87 10.70
CA VAL A 24 14.01 13.24 11.73
C VAL A 24 14.69 11.96 12.20
N PRO A 25 14.36 11.51 13.43
CA PRO A 25 14.77 10.19 13.91
C PRO A 25 14.20 9.11 13.01
N SER A 26 15.08 8.27 12.47
CA SER A 26 14.72 7.12 11.60
C SER A 26 15.62 5.95 11.97
N ALA A 27 15.02 4.97 12.64
CA ALA A 27 15.67 3.72 13.05
C ALA A 27 16.92 4.02 13.87
N CYS A 28 16.84 4.95 14.81
CA CYS A 28 17.93 5.37 15.75
C CYS A 28 19.06 6.07 15.03
N GLU A 29 18.80 6.49 13.79
CA GLU A 29 19.70 7.33 12.99
C GLU A 29 18.96 8.64 12.72
N ASN A 30 19.64 9.59 12.08
CA ASN A 30 18.99 10.80 11.51
CA ASN A 30 19.05 10.81 11.49
C ASN A 30 18.86 10.58 9.99
N ARG A 31 17.67 10.84 9.46
CA ARG A 31 17.47 10.77 7.99
C ARG A 31 16.80 12.07 7.53
N GLU A 32 17.26 12.60 6.41
CA GLU A 32 16.68 13.81 5.82
C GLU A 32 15.46 13.30 5.07
N ASP A 33 14.30 13.40 5.68
CA ASP A 33 13.07 12.79 5.14
C ASP A 33 12.14 13.87 4.56
N VAL A 34 11.26 13.45 3.65
CA VAL A 34 10.02 14.17 3.24
C VAL A 34 8.98 13.80 4.27
N VAL A 35 8.56 14.79 5.05
CA VAL A 35 7.69 14.58 6.23
C VAL A 35 6.40 15.35 6.01
N VAL A 36 5.38 14.91 6.70
CA VAL A 36 4.05 15.57 6.75
C VAL A 36 3.85 16.17 8.13
N ASN A 37 3.61 17.48 8.21
CA ASN A 37 3.39 18.17 9.49
C ASN A 37 4.56 17.85 10.43
N GLY A 38 5.76 17.73 9.89
CA GLY A 38 7.00 17.62 10.68
C GLY A 38 7.36 16.20 11.10
N THR A 39 6.55 15.17 10.85
CA THR A 39 6.84 13.80 11.37
C THR A 39 6.73 12.79 10.25
N SER A 40 7.38 11.65 10.47
CA SER A 40 7.21 10.43 9.66
C SER A 40 6.93 9.26 10.58
N PRO A 41 5.74 8.63 10.57
CA PRO A 41 4.65 8.95 9.66
C PRO A 41 3.96 10.26 10.03
N GLY A 42 3.12 10.72 9.11
CA GLY A 42 2.33 11.93 9.25
C GLY A 42 1.11 11.69 10.12
N PRO A 43 0.35 12.75 10.44
CA PRO A 43 -0.81 12.63 11.34
C PRO A 43 -1.95 11.84 10.70
N ALA A 44 -2.71 11.13 11.53
CA ALA A 44 -3.93 10.40 11.13
C ALA A 44 -4.98 11.44 10.73
N ILE A 45 -5.58 11.23 9.58
CA ILE A 45 -6.74 12.03 9.12
C ILE A 45 -7.91 11.10 9.27
N HIS A 46 -9.00 11.57 9.87
CA HIS A 46 -10.25 10.82 10.09
C HIS A 46 -11.31 11.39 9.15
N LEU A 47 -11.93 10.57 8.31
CA LEU A 47 -12.97 11.02 7.37
C LEU A 47 -14.29 10.37 7.80
N LEU A 48 -15.39 11.02 7.51
CA LEU A 48 -16.75 10.45 7.69
C LEU A 48 -17.09 9.67 6.43
N PRO A 49 -17.84 8.56 6.57
CA PRO A 49 -18.38 7.88 5.40
C PRO A 49 -19.51 8.77 4.82
N GLY A 50 -19.78 8.65 3.53
CA GLY A 50 -20.87 9.38 2.85
C GLY A 50 -20.69 10.89 2.94
N ALA A 51 -19.46 11.37 2.81
CA ALA A 51 -19.13 12.81 2.97
C ALA A 51 -18.22 13.29 1.83
N ARG A 52 -18.22 14.59 1.60
CA ARG A 52 -17.23 15.31 0.77
C ARG A 52 -16.27 16.00 1.71
N THR A 53 -14.97 15.77 1.56
CA THR A 53 -13.97 16.37 2.47
C THR A 53 -12.83 16.89 1.60
N TRP A 54 -12.40 18.11 1.86
CA TRP A 54 -11.35 18.74 1.04
C TRP A 54 -10.05 18.70 1.85
N ILE A 55 -8.97 18.25 1.24
CA ILE A 55 -7.65 18.20 1.94
C ILE A 55 -6.68 18.98 1.08
N ARG A 56 -6.18 20.08 1.61
CA ARG A 56 -5.18 20.92 0.90
C ARG A 56 -3.81 20.37 1.25
N VAL A 57 -3.00 20.03 0.24
CA VAL A 57 -1.62 19.57 0.45
C VAL A 57 -0.71 20.67 -0.05
N TYR A 58 0.07 21.25 0.87
CA TYR A 58 1.17 22.23 0.62
C TYR A 58 2.49 21.49 0.37
N ASN A 59 3.09 21.79 -0.77
CA ASN A 59 4.48 21.44 -1.06
C ASN A 59 5.37 22.57 -0.54
N ASP A 60 5.87 22.44 0.69
CA ASP A 60 6.81 23.42 1.29
C ASP A 60 8.28 23.03 1.01
N MET A 61 8.54 22.14 0.07
CA MET A 61 9.92 21.74 -0.28
C MET A 61 10.46 22.77 -1.29
N ASN A 62 11.77 22.85 -1.40
CA ASN A 62 12.44 23.94 -2.16
C ASN A 62 12.61 23.50 -3.61
N ASP A 63 12.93 22.23 -3.86
CA ASP A 63 13.40 21.77 -5.19
C ASP A 63 12.92 20.35 -5.46
N ARG A 64 11.80 19.93 -4.87
CA ARG A 64 11.21 18.60 -5.16
C ARG A 64 9.74 18.81 -5.44
N ASN A 65 9.22 18.07 -6.40
CA ASN A 65 7.78 17.98 -6.68
C ASN A 65 7.11 17.09 -5.63
N LEU A 66 5.78 17.10 -5.62
CA LEU A 66 4.98 16.32 -4.66
C LEU A 66 3.66 15.93 -5.34
N SER A 67 3.04 14.85 -4.92
CA SER A 67 1.59 14.58 -5.11
C SER A 67 1.14 13.84 -3.85
N MET A 68 -0.15 13.73 -3.61
CA MET A 68 -0.63 12.92 -2.47
C MET A 68 -1.71 12.00 -3.01
N HIS A 69 -1.45 10.70 -2.83
CA HIS A 69 -2.33 9.59 -3.23
C HIS A 69 -3.02 9.08 -1.98
N TRP A 70 -4.29 8.79 -2.09
CA TRP A 70 -5.18 8.35 -1.00
C TRP A 70 -5.41 6.85 -1.23
N HIS A 71 -4.48 6.06 -0.72
CA HIS A 71 -4.30 4.64 -1.08
C HIS A 71 -5.52 3.82 -0.64
N GLY A 72 -6.22 3.21 -1.61
CA GLY A 72 -7.37 2.36 -1.32
C GLY A 72 -8.70 3.03 -1.47
N LEU A 73 -8.74 4.36 -1.52
CA LEU A 73 -9.98 5.11 -1.80
C LEU A 73 -10.16 5.16 -3.32
N SER A 74 -11.30 4.75 -3.83
CA SER A 74 -11.50 4.57 -5.28
C SER A 74 -11.53 5.94 -5.99
N GLN A 75 -11.91 7.03 -5.31
CA GLN A 75 -12.05 8.38 -5.92
C GLN A 75 -12.91 8.31 -7.18
N ARG A 76 -13.93 7.45 -7.20
CA ARG A 76 -14.76 7.28 -8.41
C ARG A 76 -15.36 8.60 -8.91
N PHE A 77 -15.82 9.48 -8.02
CA PHE A 77 -16.44 10.78 -8.38
C PHE A 77 -15.41 11.91 -8.45
N ALA A 78 -14.12 11.67 -8.18
CA ALA A 78 -13.07 12.71 -8.12
C ALA A 78 -11.79 12.13 -8.69
N PRO A 79 -11.80 11.68 -9.95
CA PRO A 79 -10.60 11.06 -10.52
C PRO A 79 -9.40 12.02 -10.54
N PHE A 80 -9.65 13.32 -10.65
CA PHE A 80 -8.63 14.38 -10.65
C PHE A 80 -8.00 14.50 -9.24
N SER A 81 -8.53 13.79 -8.23
CA SER A 81 -8.00 13.81 -6.84
C SER A 81 -7.23 12.54 -6.51
N ASP A 82 -6.89 11.71 -7.49
CA ASP A 82 -6.23 10.41 -7.20
C ASP A 82 -4.79 10.63 -6.77
N GLY A 83 -4.18 11.74 -7.17
CA GLY A 83 -2.83 12.13 -6.68
C GLY A 83 -1.70 11.40 -7.36
N THR A 84 -1.84 11.09 -8.64
CA THR A 84 -0.90 10.19 -9.35
C THR A 84 -0.26 10.94 -10.51
N PRO A 85 1.00 11.42 -10.40
CA PRO A 85 1.60 12.18 -11.50
C PRO A 85 1.70 11.30 -12.76
N SER A 86 1.60 11.96 -13.92
CA SER A 86 1.54 11.34 -15.26
C SER A 86 0.14 10.75 -15.52
N ALA A 87 -0.63 10.37 -14.49
CA ALA A 87 -1.98 9.78 -14.65
C ALA A 87 -3.08 10.83 -14.41
N THR A 88 -3.15 11.47 -13.24
CA THR A 88 -4.35 12.26 -12.83
C THR A 88 -4.05 13.73 -12.59
N GLN A 89 -2.78 14.14 -12.60
CA GLN A 89 -2.45 15.54 -12.32
C GLN A 89 -0.99 15.79 -12.71
N TRP A 90 -0.66 17.05 -12.95
CA TRP A 90 0.72 17.58 -12.86
C TRP A 90 1.22 17.46 -11.42
N PRO A 91 2.53 17.21 -11.24
CA PRO A 91 3.13 17.28 -9.89
C PRO A 91 2.81 18.64 -9.28
N ILE A 92 2.65 18.69 -7.97
CA ILE A 92 2.56 19.95 -7.18
C ILE A 92 3.96 20.59 -7.12
N PRO A 93 4.16 21.80 -7.64
CA PRO A 93 5.51 22.40 -7.61
C PRO A 93 5.88 22.91 -6.23
N PRO A 94 7.19 23.08 -5.96
CA PRO A 94 7.62 23.73 -4.73
C PRO A 94 6.90 25.06 -4.45
N GLY A 95 6.51 25.27 -3.21
CA GLY A 95 5.87 26.50 -2.75
C GLY A 95 4.43 26.64 -3.20
N HIS A 96 3.82 25.58 -3.75
CA HIS A 96 2.40 25.60 -4.19
C HIS A 96 1.63 24.47 -3.51
N PHE A 97 0.33 24.41 -3.75
CA PHE A 97 -0.57 23.45 -3.08
C PHE A 97 -1.52 22.89 -4.12
N PHE A 98 -2.22 21.83 -3.71
CA PHE A 98 -3.28 21.18 -4.50
C PHE A 98 -4.40 20.81 -3.54
N ASP A 99 -5.63 21.16 -3.91
CA ASP A 99 -6.87 20.85 -3.16
C ASP A 99 -7.42 19.52 -3.66
N TYR A 100 -7.41 18.52 -2.79
CA TYR A 100 -7.91 17.15 -3.05
C TYR A 100 -9.34 17.03 -2.48
N GLU A 101 -10.27 16.66 -3.37
CA GLU A 101 -11.67 16.37 -3.01
C GLU A 101 -11.78 14.88 -2.72
N ILE A 102 -12.07 14.53 -1.49
CA ILE A 102 -12.22 13.10 -1.11
C ILE A 102 -13.71 12.84 -0.94
N LEU A 103 -14.28 12.01 -1.79
CA LEU A 103 -15.71 11.61 -1.70
C LEU A 103 -15.70 10.20 -1.14
N THR A 104 -16.20 10.01 0.08
CA THR A 104 -16.35 8.68 0.72
C THR A 104 -17.78 8.21 0.46
N GLU A 105 -17.96 6.97 0.02
CA GLU A 105 -19.32 6.40 -0.14
C GLU A 105 -19.73 5.91 1.24
N PRO A 106 -21.05 5.70 1.49
CA PRO A 106 -21.51 5.32 2.82
C PRO A 106 -20.83 4.07 3.42
N GLU A 107 -20.32 3.15 2.58
CA GLU A 107 -19.84 1.80 2.95
C GLU A 107 -18.31 1.76 2.90
N ASP A 108 -17.67 2.92 2.93
CA ASP A 108 -16.19 3.02 2.75
C ASP A 108 -15.44 2.94 4.09
N ALA A 109 -16.15 2.85 5.21
CA ALA A 109 -15.55 2.74 6.57
C ALA A 109 -14.37 1.75 6.55
N GLY A 110 -13.18 2.14 7.02
CA GLY A 110 -12.04 1.23 6.96
C GLY A 110 -10.72 1.97 7.12
N THR A 111 -9.65 1.21 6.97
CA THR A 111 -8.25 1.70 7.10
C THR A 111 -7.64 1.92 5.72
N TYR A 112 -7.11 3.11 5.49
CA TYR A 112 -6.42 3.51 4.26
C TYR A 112 -5.17 4.25 4.71
N PHE A 113 -4.45 4.83 3.78
CA PHE A 113 -3.28 5.66 4.15
C PHE A 113 -3.01 6.59 2.98
N TYR A 114 -2.44 7.75 3.28
CA TYR A 114 -2.04 8.72 2.24
C TYR A 114 -0.53 8.66 2.09
N HIS A 115 -0.01 8.92 0.89
CA HIS A 115 1.46 9.01 0.74
C HIS A 115 1.79 9.72 -0.54
N SER A 116 3.00 10.27 -0.58
CA SER A 116 3.51 10.88 -1.82
C SER A 116 3.47 9.81 -2.93
N HIS A 117 3.18 10.21 -4.15
CA HIS A 117 3.30 9.31 -5.32
C HIS A 117 4.40 9.83 -6.23
N VAL A 118 5.39 10.55 -5.68
CA VAL A 118 6.53 11.06 -6.47
C VAL A 118 7.78 10.31 -6.00
N GLY A 119 8.51 9.75 -6.95
CA GLY A 119 9.82 9.12 -6.70
C GLY A 119 9.76 8.15 -5.53
N MET A 120 10.66 8.27 -4.56
CA MET A 120 10.63 7.36 -3.37
C MET A 120 10.25 8.11 -2.09
N GLN A 121 9.53 9.22 -2.26
CA GLN A 121 9.08 10.08 -1.13
C GLN A 121 8.26 9.27 -0.16
N ALA A 122 7.46 8.29 -0.65
CA ALA A 122 6.52 7.51 0.18
C ALA A 122 7.26 6.69 1.25
N LEU A 123 8.57 6.49 1.12
CA LEU A 123 9.37 5.87 2.21
C LEU A 123 9.04 6.55 3.55
N SER A 124 8.93 7.88 3.56
CA SER A 124 8.77 8.76 4.73
C SER A 124 7.48 9.59 4.66
N CYS A 125 7.00 9.98 3.48
CA CYS A 125 5.85 10.89 3.29
C CYS A 125 4.56 10.06 3.23
N THR A 126 4.01 9.73 4.40
CA THR A 126 3.03 8.64 4.53
C THR A 126 2.30 8.85 5.83
N GLY A 127 1.01 8.59 5.90
CA GLY A 127 0.29 8.64 7.16
C GLY A 127 -1.05 7.95 7.06
N PRO A 128 -1.73 7.71 8.20
N PRO A 128 -1.69 7.66 8.22
CA PRO A 128 -2.95 6.92 8.22
CA PRO A 128 -2.95 6.93 8.24
C PRO A 128 -4.14 7.76 7.77
C PRO A 128 -4.13 7.77 7.75
N LEU A 129 -5.11 7.12 7.11
CA LEU A 129 -6.32 7.78 6.61
C LEU A 129 -7.47 6.87 6.96
N ILE A 130 -8.27 7.26 7.91
CA ILE A 130 -9.29 6.36 8.50
C ILE A 130 -10.66 6.88 8.08
N VAL A 131 -11.46 6.03 7.46
CA VAL A 131 -12.92 6.29 7.28
C VAL A 131 -13.66 5.63 8.46
N GLU A 132 -14.26 6.47 9.28
CA GLU A 132 -14.91 6.10 10.56
C GLU A 132 -16.15 5.24 10.26
N ASP A 133 -16.42 4.26 11.12
CA ASP A 133 -17.67 3.45 11.00
C ASP A 133 -18.83 4.38 11.31
N CYS A 134 -18.70 5.17 12.38
CA CYS A 134 -19.82 5.86 13.09
C CYS A 134 -20.84 4.82 13.58
N GLY A 135 -20.47 4.15 14.70
CA GLY A 135 -21.28 3.18 15.48
C GLY A 135 -21.91 2.10 14.63
N SER A 136 -21.30 1.78 13.49
CA SER A 136 -21.86 0.87 12.45
C SER A 136 -20.98 -0.38 12.28
N SER A 137 -19.82 -0.47 12.97
CA SER A 137 -18.97 -1.69 12.88
C SER A 137 -19.80 -2.87 13.36
N PRO A 138 -19.84 -3.98 12.60
CA PRO A 138 -20.48 -5.21 13.09
C PRO A 138 -19.68 -5.95 14.18
N TYR A 139 -18.81 -5.25 14.94
CA TYR A 139 -17.91 -5.81 16.00
C TYR A 139 -17.71 -4.81 17.14
N HIS A 140 -17.67 -5.31 18.37
CA HIS A 140 -17.37 -4.50 19.58
C HIS A 140 -15.86 -4.43 19.78
N TYR A 141 -15.41 -3.30 20.27
CA TYR A 141 -14.01 -3.10 20.72
C TYR A 141 -13.99 -1.85 21.59
N ASP A 142 -13.13 -1.86 22.57
CA ASP A 142 -13.02 -0.78 23.57
C ASP A 142 -12.25 0.37 22.93
N ASP A 143 -11.33 0.09 22.02
CA ASP A 143 -10.50 1.19 21.47
C ASP A 143 -9.76 0.69 20.24
N GLU A 144 -9.07 1.59 19.55
CA GLU A 144 -8.24 1.20 18.38
C GLU A 144 -6.80 1.69 18.53
N ARG A 145 -5.93 1.01 17.78
CA ARG A 145 -4.51 1.38 17.64
C ARG A 145 -4.19 1.32 16.15
N ILE A 146 -3.41 2.29 15.70
CA ILE A 146 -2.82 2.20 14.34
C ILE A 146 -1.42 1.59 14.47
N LEU A 147 -1.12 0.62 13.61
CA LEU A 147 0.22 0.00 13.51
C LEU A 147 0.71 0.23 12.09
N LEU A 148 1.42 1.32 11.86
CA LEU A 148 1.89 1.71 10.50
C LEU A 148 3.38 1.40 10.40
N PHE A 149 3.73 0.53 9.46
CA PHE A 149 5.09 0.00 9.24
C PHE A 149 5.72 0.72 8.07
N GLN A 150 6.99 1.07 8.21
CA GLN A 150 7.82 1.72 7.17
C GLN A 150 9.19 1.04 7.06
N ASP A 151 9.84 1.21 5.94
CA ASP A 151 11.26 0.90 5.74
C ASP A 151 12.12 2.13 6.04
N HIS A 152 13.32 1.88 6.56
CA HIS A 152 14.41 2.89 6.70
C HIS A 152 15.50 2.53 5.71
N PHE A 153 15.93 3.50 4.90
CA PHE A 153 17.10 3.35 4.03
C PHE A 153 18.13 4.35 4.50
N GLN A 154 19.39 3.94 4.50
CA GLN A 154 20.52 4.81 4.89
C GLN A 154 20.87 5.68 3.68
N LYS A 155 20.73 5.17 2.44
CA LYS A 155 20.94 5.98 1.22
C LYS A 155 19.81 7.00 1.13
N SER A 156 20.10 8.15 0.55
CA SER A 156 19.10 9.21 0.27
C SER A 156 18.21 8.75 -0.89
N ASP A 157 17.01 9.31 -0.98
CA ASP A 157 16.09 9.17 -2.13
C ASP A 157 16.85 9.45 -3.46
N LEU A 158 17.58 10.56 -3.55
CA LEU A 158 18.28 10.94 -4.81
C LEU A 158 19.31 9.86 -5.18
N GLU A 159 20.11 9.39 -4.22
CA GLU A 159 21.14 8.36 -4.48
C GLU A 159 20.45 7.09 -5.01
N MET A 160 19.35 6.70 -4.41
CA MET A 160 18.64 5.45 -4.75
C MET A 160 18.09 5.57 -6.17
N ILE A 161 17.48 6.70 -6.49
CA ILE A 161 16.89 6.94 -7.85
C ILE A 161 17.99 6.93 -8.91
N GLN A 162 19.11 7.60 -8.65
CA GLN A 162 20.25 7.64 -9.60
C GLN A 162 20.74 6.22 -9.89
N GLY A 163 20.91 5.42 -8.83
CA GLY A 163 21.41 4.04 -9.01
C GLY A 163 20.43 3.24 -9.85
N LEU A 164 19.13 3.33 -9.52
CA LEU A 164 18.06 2.54 -10.17
C LEU A 164 17.97 2.89 -11.67
N THR A 165 18.24 4.14 -12.03
CA THR A 165 18.02 4.68 -13.41
C THR A 165 19.32 4.76 -14.21
N SER A 166 20.44 4.27 -13.66
CA SER A 166 21.77 4.38 -14.30
C SER A 166 21.99 3.21 -15.26
N THR A 167 22.73 3.45 -16.34
CA THR A 167 23.08 2.38 -17.33
C THR A 167 24.14 1.45 -16.68
N GLN A 168 24.64 1.79 -15.49
CA GLN A 168 25.39 0.88 -14.59
C GLN A 168 24.50 0.74 -13.35
N PHE A 169 23.53 -0.17 -13.43
CA PHE A 169 22.46 -0.37 -12.43
C PHE A 169 23.07 -0.53 -11.03
N THR A 170 22.64 0.28 -10.07
CA THR A 170 22.93 0.06 -8.63
C THR A 170 21.58 -0.10 -7.92
N TRP A 171 21.39 -1.27 -7.32
CA TRP A 171 20.22 -1.57 -6.45
C TRP A 171 20.29 -0.71 -5.18
N THR A 172 19.13 -0.41 -4.62
CA THR A 172 18.96 0.33 -3.33
C THR A 172 19.65 -0.38 -2.15
N GLY A 173 19.90 -1.67 -2.26
CA GLY A 173 20.27 -2.52 -1.13
C GLY A 173 19.01 -2.92 -0.38
N GLU A 174 19.16 -3.79 0.61
CA GLU A 174 18.03 -4.32 1.40
C GLU A 174 17.66 -3.30 2.48
N THR A 175 16.52 -3.51 3.14
CA THR A 175 16.03 -2.55 4.14
C THR A 175 17.06 -2.40 5.25
N ARG A 176 17.24 -1.19 5.75
CA ARG A 176 18.13 -0.94 6.90
C ARG A 176 17.27 -0.63 8.13
N GLY A 177 16.05 -1.10 8.14
CA GLY A 177 15.27 -1.05 9.38
C GLY A 177 13.79 -1.04 9.09
N ILE A 178 13.03 -1.54 10.06
CA ILE A 178 11.56 -1.47 10.00
C ILE A 178 11.12 -0.56 11.13
N LEU A 179 10.33 0.44 10.81
CA LEU A 179 9.73 1.35 11.80
C LEU A 179 8.29 0.95 12.04
N LEU A 180 7.87 1.08 13.28
CA LEU A 180 6.43 0.97 13.65
C LEU A 180 6.08 2.31 14.26
N ASN A 181 5.18 3.03 13.63
CA ASN A 181 4.72 4.37 14.10
C ASN A 181 5.97 5.23 14.37
N GLY A 182 6.96 5.20 13.49
CA GLY A 182 8.09 6.17 13.53
C GLY A 182 9.21 5.72 14.42
N ARG A 183 9.16 4.50 15.00
CA ARG A 183 10.27 4.01 15.86
C ARG A 183 10.73 2.62 15.42
N GLY A 184 12.02 2.43 15.46
CA GLY A 184 12.66 1.13 15.17
C GLY A 184 14.15 1.26 15.20
N VAL A 185 14.83 0.24 14.69
CA VAL A 185 16.29 0.06 14.95
C VAL A 185 16.96 -0.41 13.68
N SER A 186 17.96 0.34 13.23
CA SER A 186 18.78 -0.08 12.09
C SER A 186 19.65 -1.25 12.55
N PRO A 187 20.17 -2.09 11.61
CA PRO A 187 21.07 -3.19 11.96
C PRO A 187 22.37 -2.68 12.56
N ASN A 188 22.67 -1.38 12.50
CA ASN A 188 23.94 -0.80 13.02
C ASN A 188 23.74 -0.26 14.44
N GLN A 189 22.51 -0.30 14.94
CA GLN A 189 22.14 0.29 16.24
C GLN A 189 21.49 -0.78 17.10
N ALA A 190 21.22 -0.43 18.37
CA ALA A 190 20.51 -1.36 19.29
C ALA A 190 19.66 -0.54 20.27
N ALA A 191 18.37 -0.89 20.37
CA ALA A 191 17.44 -0.29 21.35
C ALA A 191 17.99 -0.50 22.75
N VAL A 192 17.78 0.49 23.58
CA VAL A 192 17.99 0.43 25.05
C VAL A 192 16.65 0.68 25.77
N GLN A 193 16.60 0.41 27.06
CA GLN A 193 15.39 0.55 27.90
C GLN A 193 14.93 1.99 27.83
N GLY A 194 13.64 2.22 27.59
CA GLY A 194 13.01 3.56 27.62
C GLY A 194 12.37 3.88 28.97
N ARG A 195 12.34 5.16 29.34
CA ARG A 195 11.64 5.69 30.54
C ARG A 195 10.18 5.23 30.52
N PRO A 196 9.54 4.99 31.69
CA PRO A 196 8.12 4.69 31.69
C PRO A 196 7.30 5.93 31.27
N GLY A 197 6.02 5.74 30.96
CA GLY A 197 5.10 6.80 30.54
C GLY A 197 4.95 6.84 29.04
N GLU A 198 4.36 7.92 28.53
CA GLU A 198 3.79 7.98 27.16
C GLU A 198 4.94 7.77 26.16
N ALA A 199 4.73 6.95 25.16
CA ALA A 199 5.69 6.71 24.06
C ALA A 199 4.94 6.54 22.74
N SER A 200 3.89 7.32 22.51
CA SER A 200 3.02 7.25 21.32
C SER A 200 2.40 5.87 21.22
N GLY A 201 2.21 5.17 22.34
CA GLY A 201 1.62 3.81 22.37
C GLY A 201 0.13 3.85 22.12
N PHE A 202 -0.47 5.05 22.03
CA PHE A 202 -1.94 5.21 21.84
C PHE A 202 -2.25 5.76 20.44
N PHE A 203 -1.35 5.66 19.46
CA PHE A 203 -1.59 6.17 18.09
C PHE A 203 -2.92 5.62 17.55
N GLY A 204 -3.87 6.50 17.19
CA GLY A 204 -5.19 6.09 16.67
C GLY A 204 -6.24 5.96 17.76
N SER A 205 -5.89 6.12 19.04
CA SER A 205 -6.83 5.97 20.18
C SER A 205 -7.93 7.03 20.09
N HIS A 206 -9.16 6.66 20.49
CA HIS A 206 -10.29 7.60 20.71
C HIS A 206 -10.38 8.01 22.19
N ARG A 207 -9.38 7.68 23.03
CA ARG A 207 -9.45 7.94 24.51
C ARG A 207 -9.76 9.42 24.80
N PHE A 208 -9.31 10.33 23.95
CA PHE A 208 -9.66 11.78 24.00
C PHE A 208 -10.64 12.07 22.87
N ARG A 225 -6.61 13.27 18.95
CA ARG A 225 -5.98 14.43 18.26
C ARG A 225 -4.50 14.54 18.70
N GLY A 226 -4.22 14.64 20.01
CA GLY A 226 -2.89 14.32 20.61
C GLY A 226 -2.43 12.97 20.12
N ASP A 227 -3.34 12.00 20.15
CA ASP A 227 -3.11 10.59 19.71
C ASP A 227 -3.14 10.45 18.16
N ASP A 228 -3.42 11.50 17.42
CA ASP A 228 -3.48 11.46 15.93
C ASP A 228 -2.12 11.70 15.30
N GLN A 229 -1.10 12.04 16.06
CA GLN A 229 0.24 12.27 15.49
C GLN A 229 1.28 11.75 16.46
N ILE A 230 2.21 10.97 15.93
CA ILE A 230 3.25 10.33 16.76
C ILE A 230 4.14 11.46 17.29
N GLU A 231 4.76 11.24 18.44
CA GLU A 231 5.89 12.02 18.98
C GLU A 231 7.18 11.34 18.49
N PRO A 232 8.09 12.02 17.80
CA PRO A 232 9.34 11.38 17.40
C PRO A 232 10.13 10.93 18.63
N PRO A 233 10.76 9.74 18.60
CA PRO A 233 11.56 9.29 19.73
C PRO A 233 12.78 10.22 19.90
N THR A 234 13.24 10.37 21.12
CA THR A 234 14.44 11.18 21.47
C THR A 234 15.64 10.26 21.74
N ASP A 235 15.40 8.95 21.88
CA ASP A 235 16.45 7.93 22.17
C ASP A 235 16.23 6.71 21.27
N CYS A 236 17.10 5.73 21.35
CA CYS A 236 16.99 4.50 20.55
C CYS A 236 16.16 3.49 21.36
N THR A 237 14.84 3.54 21.22
CA THR A 237 13.89 2.77 22.07
C THR A 237 12.87 2.11 21.15
N LEU A 238 12.33 1.01 21.59
CA LEU A 238 11.42 0.16 20.79
C LEU A 238 10.08 0.89 20.63
N PRO A 239 9.43 0.68 19.47
CA PRO A 239 8.05 1.10 19.30
C PRO A 239 7.18 0.34 20.33
N VAL A 240 6.17 1.04 20.83
CA VAL A 240 5.26 0.58 21.90
C VAL A 240 3.80 0.65 21.42
N ILE A 241 3.04 -0.38 21.75
CA ILE A 241 1.56 -0.38 21.65
C ILE A 241 1.07 -0.53 23.10
N ASP A 242 0.44 0.51 23.63
CA ASP A 242 -0.04 0.52 25.04
C ASP A 242 -1.47 -0.02 25.07
N VAL A 243 -1.72 -0.98 25.96
CA VAL A 243 -3.07 -1.56 26.11
C VAL A 243 -3.37 -1.66 27.59
N GLU A 244 -4.65 -1.87 27.91
CA GLU A 244 -5.06 -2.22 29.28
C GLU A 244 -5.41 -3.70 29.31
N PRO A 245 -5.34 -4.34 30.47
CA PRO A 245 -5.70 -5.74 30.60
C PRO A 245 -7.19 -5.97 30.30
N GLY A 246 -7.50 -7.05 29.61
CA GLY A 246 -8.87 -7.61 29.55
C GLY A 246 -9.77 -6.84 28.61
N LYS A 247 -9.21 -6.21 27.59
CA LYS A 247 -9.97 -5.37 26.63
C LYS A 247 -9.86 -5.97 25.23
N THR A 248 -10.58 -5.38 24.28
CA THR A 248 -10.49 -5.72 22.86
C THR A 248 -10.09 -4.46 22.09
N TYR A 249 -9.02 -4.55 21.33
CA TYR A 249 -8.53 -3.44 20.47
C TYR A 249 -8.78 -3.81 19.01
N ARG A 250 -9.22 -2.82 18.24
CA ARG A 250 -9.16 -2.89 16.76
C ARG A 250 -7.78 -2.42 16.35
N LEU A 251 -6.93 -3.33 15.89
CA LEU A 251 -5.56 -2.99 15.47
C LEU A 251 -5.60 -2.75 13.96
N ARG A 252 -5.17 -1.58 13.51
CA ARG A 252 -5.26 -1.22 12.08
C ARG A 252 -3.84 -1.33 11.54
N PHE A 253 -3.51 -2.46 10.93
CA PHE A 253 -2.17 -2.74 10.38
C PHE A 253 -2.08 -2.06 9.02
N ILE A 254 -1.07 -1.23 8.82
CA ILE A 254 -0.84 -0.47 7.55
C ILE A 254 0.55 -0.80 7.04
N GLY A 255 0.61 -1.40 5.85
CA GLY A 255 1.86 -1.74 5.17
C GLY A 255 2.38 -0.55 4.39
N ALA A 256 3.06 0.37 5.07
CA ALA A 256 3.57 1.61 4.43
C ALA A 256 5.08 1.43 4.14
N THR A 257 5.52 0.19 3.98
CA THR A 257 6.93 -0.17 3.66
C THR A 257 7.16 0.09 2.14
N GLY A 258 8.31 0.59 1.76
CA GLY A 258 8.59 0.85 0.33
C GLY A 258 9.21 -0.37 -0.35
N LEU A 259 9.62 -1.35 0.43
CA LEU A 259 10.30 -2.58 -0.08
C LEU A 259 9.74 -3.82 0.62
N SER A 260 9.63 -3.79 1.94
CA SER A 260 9.50 -5.02 2.77
C SER A 260 8.10 -5.64 2.73
N LEU A 261 8.11 -6.96 2.66
CA LEU A 261 7.00 -7.86 3.05
C LEU A 261 7.32 -8.31 4.47
N LEU A 262 6.40 -8.09 5.40
CA LEU A 262 6.66 -8.40 6.83
C LEU A 262 5.79 -9.58 7.27
N THR A 263 6.35 -10.41 8.12
CA THR A 263 5.59 -11.38 8.92
C THR A 263 5.80 -11.02 10.39
N MET A 264 4.77 -11.09 11.21
CA MET A 264 4.88 -10.61 12.59
C MET A 264 3.89 -11.32 13.48
N GLY A 265 4.28 -11.40 14.74
CA GLY A 265 3.43 -11.95 15.80
C GLY A 265 3.75 -11.33 17.13
N PHE A 266 2.87 -11.59 18.07
CA PHE A 266 2.95 -11.12 19.47
C PHE A 266 3.27 -12.30 20.37
N GLU A 267 4.32 -12.13 21.15
CA GLU A 267 4.72 -13.09 22.20
C GLU A 267 3.51 -13.45 23.05
N ASP A 268 3.16 -14.73 23.09
CA ASP A 268 2.15 -15.33 24.00
C ASP A 268 0.74 -14.79 23.71
N HIS A 269 0.53 -14.14 22.57
CA HIS A 269 -0.82 -13.68 22.15
C HIS A 269 -1.12 -14.31 20.78
N ASN A 270 -1.85 -15.41 20.77
CA ASN A 270 -2.09 -16.22 19.53
C ASN A 270 -3.47 -16.04 18.94
N ASP A 271 -4.35 -15.24 19.50
CA ASP A 271 -5.71 -15.07 18.92
C ASP A 271 -5.86 -13.63 18.43
N LEU A 272 -5.53 -13.48 17.16
CA LEU A 272 -5.79 -12.27 16.34
C LEU A 272 -6.95 -12.65 15.43
N THR A 273 -8.01 -11.86 15.37
CA THR A 273 -9.14 -12.08 14.43
C THR A 273 -9.11 -10.98 13.37
N ILE A 274 -8.86 -11.34 12.12
CA ILE A 274 -8.92 -10.36 11.00
C ILE A 274 -10.39 -10.14 10.66
N VAL A 275 -10.87 -8.88 10.66
CA VAL A 275 -12.30 -8.56 10.41
C VAL A 275 -12.44 -7.66 9.20
N GLN A 276 -11.38 -7.06 8.70
CA GLN A 276 -11.47 -6.21 7.49
C GLN A 276 -10.15 -6.30 6.72
N VAL A 277 -10.23 -6.31 5.39
CA VAL A 277 -9.04 -6.37 4.52
C VAL A 277 -9.07 -5.20 3.53
N ASP A 278 -7.97 -4.44 3.42
CA ASP A 278 -7.85 -3.35 2.41
C ASP A 278 -9.04 -2.42 2.48
N GLY A 279 -9.35 -2.00 3.69
CA GLY A 279 -10.27 -0.87 3.84
C GLY A 279 -11.69 -1.36 3.96
N SER A 280 -12.44 -1.38 2.85
CA SER A 280 -13.93 -1.43 2.82
C SER A 280 -14.43 -2.78 3.33
N GLU A 281 -13.69 -3.85 3.06
CA GLU A 281 -14.34 -5.18 2.87
C GLU A 281 -14.47 -5.88 4.22
N TYR A 282 -15.66 -5.96 4.84
CA TYR A 282 -15.84 -6.81 6.05
C TYR A 282 -15.81 -8.29 5.61
N ASN A 283 -14.85 -9.05 6.11
CA ASN A 283 -14.76 -10.53 5.91
C ASN A 283 -15.37 -11.26 7.11
N ALA A 284 -15.93 -12.44 6.86
CA ALA A 284 -16.19 -13.44 7.91
C ALA A 284 -14.91 -13.56 8.72
N PRO A 285 -15.01 -13.48 10.06
CA PRO A 285 -13.83 -13.37 10.94
C PRO A 285 -12.90 -14.57 10.79
N VAL A 286 -11.61 -14.31 10.63
CA VAL A 286 -10.55 -15.33 10.44
C VAL A 286 -9.54 -15.20 11.61
N THR A 287 -9.32 -16.26 12.37
CA THR A 287 -8.44 -16.26 13.57
C THR A 287 -7.05 -16.73 13.15
N VAL A 288 -6.01 -15.96 13.38
CA VAL A 288 -4.63 -16.30 12.95
C VAL A 288 -3.70 -16.06 14.15
N ASP A 289 -2.47 -16.58 14.06
CA ASP A 289 -1.45 -16.47 15.12
C ASP A 289 -0.39 -15.47 14.69
N HIS A 290 -0.44 -14.99 13.44
CA HIS A 290 0.54 -14.02 12.90
C HIS A 290 -0.08 -13.26 11.73
N ILE A 291 0.49 -12.12 11.42
CA ILE A 291 0.05 -11.24 10.30
C ILE A 291 1.18 -11.20 9.30
N GLN A 292 0.84 -11.26 8.03
CA GLN A 292 1.79 -10.95 6.94
C GLN A 292 1.32 -9.68 6.25
N LEU A 293 2.23 -8.75 6.04
CA LEU A 293 1.84 -7.39 5.62
C LEU A 293 2.80 -6.87 4.56
N GLY A 294 2.31 -6.81 3.32
CA GLY A 294 3.07 -6.28 2.19
C GLY A 294 2.76 -4.81 1.94
N GLY A 295 3.63 -4.14 1.19
CA GLY A 295 3.44 -2.75 0.75
C GLY A 295 2.05 -2.49 0.18
N GLY A 296 1.28 -1.64 0.84
CA GLY A 296 -0.04 -1.18 0.40
C GLY A 296 -1.18 -1.95 1.03
N GLN A 297 -0.92 -3.06 1.73
CA GLN A 297 -1.99 -3.87 2.34
C GLN A 297 -2.41 -3.23 3.67
N ARG A 298 -3.66 -3.43 4.04
CA ARG A 298 -4.16 -3.12 5.42
C ARG A 298 -5.00 -4.31 5.91
N PHE A 299 -4.90 -4.62 7.19
CA PHE A 299 -5.75 -5.62 7.88
C PHE A 299 -6.21 -4.98 9.18
N ASP A 300 -7.51 -5.05 9.45
CA ASP A 300 -8.09 -4.67 10.76
C ASP A 300 -8.22 -5.96 11.56
N VAL A 301 -7.57 -6.00 12.71
CA VAL A 301 -7.43 -7.21 13.55
C VAL A 301 -7.95 -6.92 14.96
N LEU A 302 -8.90 -7.71 15.48
CA LEU A 302 -9.30 -7.64 16.93
C LEU A 302 -8.29 -8.42 17.74
N LEU A 303 -7.72 -7.75 18.75
CA LEU A 303 -6.86 -8.40 19.78
C LEU A 303 -7.57 -8.30 21.13
N ARG A 304 -7.80 -9.45 21.74
CA ARG A 304 -8.23 -9.58 23.15
C ARG A 304 -6.97 -9.64 23.99
N THR A 305 -6.83 -8.68 24.89
CA THR A 305 -5.61 -8.60 25.72
C THR A 305 -5.80 -9.47 26.96
N LYS A 306 -4.68 -9.88 27.52
CA LYS A 306 -4.68 -10.72 28.73
C LYS A 306 -5.39 -9.97 29.87
N THR A 307 -6.11 -10.70 30.69
CA THR A 307 -6.71 -10.22 31.96
C THR A 307 -5.63 -9.99 33.02
N ALA A 308 -5.95 -9.23 34.05
CA ALA A 308 -5.04 -8.95 35.20
C ALA A 308 -4.64 -10.28 35.82
N GLU A 309 -5.57 -11.25 35.88
CA GLU A 309 -5.29 -12.59 36.43
C GLU A 309 -4.29 -13.30 35.52
N GLU A 310 -4.49 -13.31 34.20
CA GLU A 310 -3.53 -14.00 33.30
C GLU A 310 -2.15 -13.36 33.44
N LEU A 311 -2.05 -12.04 33.62
CA LEU A 311 -0.75 -11.32 33.76
C LEU A 311 -0.08 -11.77 35.07
N ARG A 312 -0.87 -11.85 36.14
CA ARG A 312 -0.48 -12.33 37.50
C ARG A 312 0.17 -13.71 37.39
N CYS A 313 -0.37 -14.59 36.54
CA CYS A 313 0.05 -16.00 36.34
C CYS A 313 1.28 -16.13 35.44
N ASN A 314 1.64 -15.09 34.69
CA ASN A 314 2.92 -15.01 33.93
C ASN A 314 3.94 -14.21 34.74
N GLY A 315 3.75 -14.14 36.06
CA GLY A 315 4.70 -13.56 37.03
C GLY A 315 4.65 -12.05 37.05
N ASP A 316 3.46 -11.44 36.92
CA ASP A 316 3.22 -9.98 36.81
C ASP A 316 4.03 -9.39 35.64
N LYS A 317 4.12 -10.13 34.54
CA LYS A 317 4.72 -9.62 33.27
C LYS A 317 3.77 -8.58 32.65
N THR A 318 4.28 -7.40 32.34
CA THR A 318 3.49 -6.27 31.80
C THR A 318 3.96 -5.94 30.39
N THR A 319 5.00 -6.59 29.83
CA THR A 319 5.48 -6.34 28.45
C THR A 319 5.66 -7.68 27.72
N TYR A 320 5.31 -7.66 26.46
CA TYR A 320 5.35 -8.79 25.51
C TYR A 320 5.91 -8.24 24.22
N PHE A 321 6.77 -9.01 23.56
CA PHE A 321 7.37 -8.54 22.29
C PHE A 321 6.42 -8.78 21.11
N LEU A 322 6.29 -7.76 20.25
CA LEU A 322 5.86 -7.89 18.85
C LEU A 322 7.16 -8.15 18.07
N GLN A 323 7.22 -9.26 17.37
CA GLN A 323 8.40 -9.62 16.58
C GLN A 323 8.00 -9.53 15.11
N PHE A 324 8.75 -8.77 14.32
CA PHE A 324 8.47 -8.60 12.88
C PHE A 324 9.73 -8.92 12.09
N GLU A 325 9.53 -9.61 10.99
CA GLU A 325 10.68 -10.03 10.14
C GLU A 325 10.33 -9.77 8.68
N THR A 326 11.35 -9.42 7.87
CA THR A 326 11.21 -9.40 6.40
C THR A 326 11.16 -10.83 5.87
N ARG A 327 10.49 -11.00 4.74
CA ARG A 327 10.44 -12.30 4.02
C ARG A 327 10.77 -12.08 2.54
N ASP A 328 11.31 -13.11 1.91
CA ASP A 328 11.45 -13.24 0.44
C ASP A 328 12.54 -12.31 -0.11
N ARG A 329 13.42 -11.77 0.73
CA ARG A 329 14.57 -10.98 0.26
C ARG A 329 15.87 -11.52 0.83
N PRO A 330 16.99 -11.33 0.10
CA PRO A 330 18.29 -11.92 0.42
C PRO A 330 18.93 -11.82 1.82
N ASP A 331 18.67 -10.74 2.57
CA ASP A 331 19.37 -10.47 3.85
C ASP A 331 18.36 -10.29 4.98
N PRO A 332 18.04 -11.37 5.73
CA PRO A 332 16.90 -11.34 6.66
C PRO A 332 17.03 -10.19 7.64
N TYR A 333 15.92 -9.65 8.10
CA TYR A 333 15.92 -8.59 9.14
C TYR A 333 14.85 -8.96 10.18
N ARG A 334 15.20 -8.82 11.45
CA ARG A 334 14.24 -9.02 12.55
C ARG A 334 14.27 -7.77 13.44
N GLY A 335 13.08 -7.27 13.75
CA GLY A 335 12.92 -6.21 14.75
C GLY A 335 11.77 -6.51 15.70
N TYR A 336 11.66 -5.63 16.68
CA TYR A 336 10.74 -5.75 17.84
C TYR A 336 10.03 -4.43 18.11
N GLY A 337 8.80 -4.60 18.55
CA GLY A 337 8.05 -3.62 19.33
C GLY A 337 7.57 -4.26 20.63
N VAL A 338 6.85 -3.48 21.43
CA VAL A 338 6.46 -3.90 22.79
C VAL A 338 4.97 -3.66 22.95
N LEU A 339 4.23 -4.72 23.22
CA LEU A 339 2.85 -4.65 23.73
C LEU A 339 2.92 -4.47 25.25
N ARG A 340 2.54 -3.29 25.71
CA ARG A 340 2.77 -2.86 27.11
C ARG A 340 1.41 -2.68 27.78
N TYR A 341 1.23 -3.33 28.92
CA TYR A 341 -0.03 -3.38 29.72
C TYR A 341 -0.07 -2.33 30.83
N ASN A 342 1.07 -1.68 31.09
CA ASN A 342 1.18 -0.72 32.22
C ASN A 342 2.19 0.37 31.87
N LEU A 343 1.74 1.63 31.86
CA LEU A 343 2.58 2.79 31.55
C LEU A 343 3.70 2.94 32.58
N GLY A 344 3.55 2.33 33.74
CA GLY A 344 4.55 2.34 34.81
C GLY A 344 5.76 1.47 34.53
N THR A 345 5.71 0.62 33.50
CA THR A 345 6.81 -0.29 33.12
C THR A 345 7.71 0.40 32.10
N PRO A 346 9.04 0.49 32.33
CA PRO A 346 9.96 0.97 31.32
C PRO A 346 9.88 0.12 30.04
N VAL A 347 10.06 0.74 28.90
CA VAL A 347 10.11 0.04 27.61
C VAL A 347 11.37 -0.80 27.56
N PRO A 348 11.26 -2.13 27.46
CA PRO A 348 12.45 -2.99 27.46
C PRO A 348 13.21 -2.84 26.13
N ALA A 349 14.50 -3.19 26.16
CA ALA A 349 15.37 -3.46 24.99
C ALA A 349 14.87 -4.74 24.30
N ALA A 350 15.36 -5.02 23.12
CA ALA A 350 15.02 -6.25 22.37
C ALA A 350 15.53 -7.47 23.13
N PRO A 351 14.87 -8.63 23.03
CA PRO A 351 15.35 -9.81 23.73
C PRO A 351 16.64 -10.30 23.06
N THR A 352 17.54 -10.90 23.82
CA THR A 352 18.83 -11.44 23.32
C THR A 352 18.58 -12.57 22.32
N THR A 353 17.55 -13.38 22.54
CA THR A 353 17.15 -14.47 21.62
C THR A 353 15.68 -14.30 21.29
N PRO A 354 15.27 -14.78 20.09
CA PRO A 354 13.94 -14.50 19.56
C PRO A 354 12.80 -14.90 20.50
N ALA A 355 11.79 -14.05 20.57
CA ALA A 355 10.59 -14.16 21.44
C ALA A 355 9.72 -15.31 20.91
N LEU A 356 9.69 -15.48 19.59
CA LEU A 356 8.83 -16.48 18.92
C LEU A 356 9.42 -16.84 17.54
N THR A 357 8.75 -17.77 16.86
CA THR A 357 9.14 -18.36 15.57
C THR A 357 8.02 -18.02 14.61
N LEU A 358 8.37 -17.37 13.51
CA LEU A 358 7.43 -17.00 12.44
C LEU A 358 7.70 -17.95 11.29
N PRO A 359 6.66 -18.48 10.59
CA PRO A 359 6.88 -19.37 9.47
C PRO A 359 7.87 -18.80 8.40
N ALA A 360 8.78 -19.64 7.89
CA ALA A 360 9.66 -19.34 6.75
C ALA A 360 8.80 -19.02 5.51
N GLU A 361 7.72 -19.75 5.28
CA GLU A 361 6.87 -19.61 4.07
C GLU A 361 5.88 -18.44 4.23
N VAL A 362 5.55 -17.76 3.13
CA VAL A 362 4.52 -16.68 3.09
C VAL A 362 3.43 -16.97 2.04
N ASN A 363 3.70 -17.80 1.02
CA ASN A 363 2.93 -17.78 -0.24
C ASN A 363 1.64 -18.61 -0.12
N ASN A 364 1.35 -19.19 1.04
CA ASN A 364 0.08 -19.92 1.22
C ASN A 364 -0.64 -19.39 2.47
N TRP A 365 -0.47 -18.12 2.82
CA TRP A 365 -1.15 -17.54 4.02
C TRP A 365 -2.52 -16.99 3.61
N LEU A 366 -3.61 -17.57 4.11
CA LEU A 366 -4.99 -17.05 3.85
C LEU A 366 -5.19 -16.80 2.33
N GLU A 367 -4.91 -17.83 1.53
CA GLU A 367 -5.28 -17.84 0.09
C GLU A 367 -6.61 -18.60 -0.01
N TYR A 368 -7.51 -18.17 -0.89
CA TYR A 368 -8.82 -18.84 -1.07
C TYR A 368 -9.46 -18.97 0.31
N THR A 369 -9.32 -17.95 1.15
CA THR A 369 -9.75 -17.99 2.56
C THR A 369 -10.78 -16.88 2.87
N PHE A 370 -10.43 -15.62 2.66
CA PHE A 370 -11.30 -14.49 3.06
C PHE A 370 -12.59 -14.55 2.23
N GLN A 371 -13.72 -14.50 2.90
CA GLN A 371 -15.01 -14.42 2.17
C GLN A 371 -15.79 -13.24 2.76
N PRO A 372 -16.74 -12.64 2.02
CA PRO A 372 -17.54 -11.55 2.59
C PRO A 372 -18.32 -12.00 3.83
N LEU A 373 -18.38 -11.11 4.82
CA LEU A 373 -19.26 -11.24 5.99
C LEU A 373 -20.72 -11.30 5.51
N HIS A 374 -21.13 -10.45 4.57
CA HIS A 374 -22.49 -10.39 3.95
C HIS A 374 -22.38 -10.73 2.48
N PRO A 375 -22.36 -12.04 2.12
CA PRO A 375 -22.01 -12.46 0.76
C PRO A 375 -22.90 -11.82 -0.32
N SER A 376 -24.20 -11.66 0.00
CA SER A 376 -25.26 -10.90 -0.75
C SER A 376 -24.69 -9.66 -1.46
N SER A 377 -24.03 -8.76 -0.74
CA SER A 377 -23.64 -7.41 -1.20
C SER A 377 -22.15 -7.35 -1.52
N SER A 378 -21.56 -8.45 -1.98
CA SER A 378 -20.16 -8.50 -2.49
C SER A 378 -20.01 -9.76 -3.36
N LEU A 379 -20.57 -9.69 -4.57
CA LEU A 379 -20.65 -10.81 -5.55
C LEU A 379 -19.55 -10.63 -6.59
N SER A 380 -18.50 -11.42 -6.51
CA SER A 380 -17.39 -11.50 -7.50
C SER A 380 -17.94 -11.87 -8.88
N PRO A 381 -17.40 -11.32 -9.98
CA PRO A 381 -17.78 -11.80 -11.30
C PRO A 381 -17.46 -13.30 -11.41
N THR A 382 -18.37 -14.08 -11.98
CA THR A 382 -18.12 -15.53 -12.20
C THR A 382 -17.23 -15.69 -13.44
N ALA A 383 -16.64 -16.88 -13.59
CA ALA A 383 -15.87 -17.32 -14.79
C ALA A 383 -16.65 -17.06 -16.07
N GLU A 384 -17.95 -17.37 -16.05
CA GLU A 384 -18.89 -17.24 -17.18
C GLU A 384 -19.00 -15.77 -17.57
N GLU A 385 -19.00 -14.87 -16.59
CA GLU A 385 -19.27 -13.43 -16.83
C GLU A 385 -18.01 -12.74 -17.40
N VAL A 386 -16.80 -13.27 -17.20
CA VAL A 386 -15.56 -12.65 -17.75
C VAL A 386 -15.65 -12.64 -19.28
N THR A 387 -15.39 -11.51 -19.92
CA THR A 387 -15.44 -11.32 -21.39
C THR A 387 -14.04 -11.07 -21.94
N ARG A 388 -13.09 -10.65 -21.10
CA ARG A 388 -11.71 -10.46 -21.62
C ARG A 388 -10.71 -10.70 -20.49
N ARG A 389 -9.57 -11.30 -20.84
CA ARG A 389 -8.44 -11.50 -19.89
C ARG A 389 -7.25 -10.68 -20.35
N VAL A 390 -6.62 -9.98 -19.44
CA VAL A 390 -5.33 -9.29 -19.68
C VAL A 390 -4.27 -9.96 -18.78
N ILE A 391 -3.23 -10.53 -19.37
CA ILE A 391 -2.07 -11.07 -18.60
C ILE A 391 -0.96 -10.01 -18.56
N LEU A 392 -0.53 -9.67 -17.36
CA LEU A 392 0.64 -8.80 -17.16
C LEU A 392 1.79 -9.70 -16.75
N GLU A 393 2.58 -10.13 -17.71
CA GLU A 393 3.84 -10.87 -17.44
C GLU A 393 4.87 -9.90 -16.87
N ALA A 394 5.30 -10.13 -15.64
CA ALA A 394 6.33 -9.35 -14.95
C ALA A 394 7.68 -9.91 -15.38
N GLU A 395 8.50 -9.08 -16.02
CA GLU A 395 9.77 -9.47 -16.65
C GLU A 395 10.81 -8.41 -16.26
N GLN A 396 11.91 -8.82 -15.66
CA GLN A 396 13.09 -7.95 -15.47
C GLN A 396 14.08 -8.15 -16.61
N LYS A 397 14.50 -7.06 -17.25
CA LYS A 397 15.53 -7.10 -18.33
C LYS A 397 16.09 -5.71 -18.57
N ILE A 398 17.21 -5.66 -19.25
CA ILE A 398 17.78 -4.38 -19.77
C ILE A 398 16.85 -3.84 -20.85
N ASP A 399 16.52 -2.55 -20.77
CA ASP A 399 15.73 -1.84 -21.80
C ASP A 399 16.70 -1.53 -22.94
N PRO A 400 16.57 -2.15 -24.13
CA PRO A 400 17.57 -1.93 -25.18
C PRO A 400 17.78 -0.44 -25.51
N ALA A 401 16.71 0.36 -25.56
CA ALA A 401 16.78 1.77 -26.02
C ALA A 401 17.64 2.62 -25.08
N THR A 402 17.54 2.44 -23.76
CA THR A 402 18.12 3.33 -22.73
C THR A 402 19.38 2.69 -22.09
N GLY A 403 19.44 1.36 -22.06
CA GLY A 403 20.41 0.59 -21.27
C GLY A 403 20.06 0.51 -19.78
N ARG A 404 18.91 1.01 -19.37
CA ARG A 404 18.47 0.88 -17.95
C ARG A 404 17.99 -0.55 -17.65
N LEU A 405 18.21 -1.03 -16.42
CA LEU A 405 17.50 -2.23 -15.91
C LEU A 405 16.06 -1.84 -15.61
N VAL A 406 15.11 -2.56 -16.19
CA VAL A 406 13.66 -2.23 -16.03
C VAL A 406 12.88 -3.46 -15.64
N TRP A 407 11.71 -3.19 -15.05
CA TRP A 407 10.64 -4.18 -14.86
C TRP A 407 9.57 -3.91 -15.90
N LYS A 408 9.35 -4.87 -16.79
CA LYS A 408 8.30 -4.80 -17.84
C LYS A 408 7.04 -5.53 -17.35
N LEU A 409 5.89 -5.01 -17.75
CA LEU A 409 4.58 -5.69 -17.66
C LEU A 409 4.01 -5.80 -19.07
N ALA A 410 3.65 -7.00 -19.47
CA ALA A 410 3.03 -7.29 -20.77
C ALA A 410 3.92 -6.75 -21.90
N HIS A 411 5.24 -6.78 -21.74
CA HIS A 411 6.25 -6.36 -22.76
C HIS A 411 6.30 -4.84 -22.93
N MET A 412 5.74 -4.06 -22.00
CA MET A 412 5.96 -2.59 -21.93
C MET A 412 6.43 -2.17 -20.52
N THR A 413 6.87 -0.92 -20.42
CA THR A 413 7.39 -0.25 -19.20
C THR A 413 6.69 1.11 -19.07
N TRP A 414 6.46 1.58 -17.84
CA TRP A 414 5.84 2.92 -17.63
C TRP A 414 6.47 3.61 -16.41
N THR A 415 6.96 4.82 -16.64
CA THR A 415 7.58 5.68 -15.59
C THR A 415 6.74 6.97 -15.52
N ASP A 416 6.82 7.74 -14.43
CA ASP A 416 6.08 9.03 -14.30
C ASP A 416 6.73 10.09 -15.23
N MET A 417 7.63 9.68 -16.15
CA MET A 417 8.17 10.50 -17.28
C MET A 417 7.93 9.80 -18.65
N SER A 418 7.07 8.78 -18.71
CA SER A 418 6.54 8.16 -19.97
C SER A 418 5.85 9.22 -20.82
N ARG A 419 5.23 10.23 -20.19
CA ARG A 419 4.65 11.39 -20.91
C ARG A 419 4.92 12.70 -20.15
N ASP A 420 4.84 13.81 -20.88
CA ASP A 420 4.78 15.18 -20.30
C ASP A 420 3.34 15.41 -19.79
N LYS A 421 2.34 15.53 -20.68
CA LYS A 421 0.97 15.92 -20.26
C LYS A 421 0.31 14.75 -19.54
N PRO A 422 -0.16 14.89 -18.29
CA PRO A 422 -0.83 13.79 -17.61
C PRO A 422 -2.06 13.31 -18.40
N VAL A 423 -2.33 12.02 -18.37
CA VAL A 423 -3.40 11.43 -19.22
C VAL A 423 -4.74 12.13 -18.94
N LEU A 424 -5.16 12.20 -17.69
CA LEU A 424 -6.50 12.77 -17.34
C LEU A 424 -6.63 14.22 -17.75
N VAL A 425 -5.53 15.01 -17.63
CA VAL A 425 -5.51 16.41 -18.08
C VAL A 425 -5.79 16.43 -19.58
N ASP A 426 -5.09 15.58 -20.31
CA ASP A 426 -5.24 15.48 -21.77
C ASP A 426 -6.70 15.15 -22.09
N ILE A 427 -7.32 14.20 -21.38
CA ILE A 427 -8.72 13.74 -21.65
C ILE A 427 -9.66 14.93 -21.40
N TYR A 428 -9.49 15.66 -20.29
CA TYR A 428 -10.38 16.83 -19.99
C TYR A 428 -10.19 17.93 -21.05
N GLU A 429 -8.99 18.05 -21.62
CA GLU A 429 -8.68 19.10 -22.64
C GLU A 429 -9.21 18.71 -24.01
N ARG A 430 -9.00 17.48 -24.45
CA ARG A 430 -9.21 17.08 -25.86
C ARG A 430 -10.33 16.05 -25.97
N GLY A 431 -10.67 15.30 -24.92
CA GLY A 431 -11.69 14.24 -25.03
C GLY A 431 -11.21 13.05 -25.85
N GLU A 432 -12.00 12.64 -26.85
N GLU A 432 -11.98 12.65 -26.87
CA GLU A 432 -11.83 11.36 -27.59
CA GLU A 432 -11.78 11.32 -27.49
C GLU A 432 -10.37 11.22 -28.09
C GLU A 432 -10.37 11.20 -28.12
N ALA A 433 -9.80 12.29 -28.65
CA ALA A 433 -8.47 12.26 -29.32
C ALA A 433 -7.34 11.88 -28.33
N ALA A 434 -7.53 12.05 -27.02
CA ALA A 434 -6.55 11.71 -25.97
C ALA A 434 -6.70 10.26 -25.49
N MET A 435 -7.72 9.54 -25.96
CA MET A 435 -8.07 8.22 -25.39
C MET A 435 -7.22 7.16 -26.07
N PRO A 436 -6.90 6.04 -25.38
CA PRO A 436 -6.26 4.90 -26.05
C PRO A 436 -7.20 4.19 -27.02
N ASP A 437 -6.59 3.55 -28.01
CA ASP A 437 -7.25 2.80 -29.11
C ASP A 437 -7.56 1.38 -28.61
N TYR A 438 -8.84 1.10 -28.35
CA TYR A 438 -9.29 -0.20 -27.79
C TYR A 438 -8.90 -1.33 -28.76
N ALA A 439 -9.32 -1.24 -30.02
CA ALA A 439 -9.13 -2.31 -31.02
C ALA A 439 -7.63 -2.62 -31.12
N ALA A 440 -6.78 -1.61 -31.19
CA ALA A 440 -5.31 -1.84 -31.27
C ALA A 440 -4.80 -2.54 -30.00
N ALA A 441 -5.26 -2.13 -28.82
CA ALA A 441 -4.87 -2.74 -27.53
C ALA A 441 -5.22 -4.24 -27.49
N LEU A 442 -6.39 -4.66 -27.98
CA LEU A 442 -6.82 -6.08 -27.93
C LEU A 442 -5.84 -6.98 -28.69
N THR A 443 -5.16 -6.47 -29.73
CA THR A 443 -4.20 -7.28 -30.54
C THR A 443 -2.77 -7.01 -30.04
N ASN A 444 -2.59 -6.29 -28.93
CA ASN A 444 -1.24 -6.00 -28.41
C ASN A 444 -1.19 -6.16 -26.88
N TYR A 445 -1.62 -7.32 -26.36
CA TYR A 445 -1.49 -7.74 -24.94
C TYR A 445 -2.33 -6.86 -24.00
N GLY A 446 -3.23 -6.03 -24.53
CA GLY A 446 -4.18 -5.21 -23.75
C GLY A 446 -3.78 -3.76 -23.68
N TRP A 447 -2.66 -3.38 -24.27
CA TRP A 447 -2.22 -1.98 -24.30
C TRP A 447 -2.10 -1.48 -25.75
N ASP A 448 -2.44 -0.21 -25.92
CA ASP A 448 -2.41 0.48 -27.21
C ASP A 448 -0.95 0.72 -27.56
N PRO A 449 -0.46 0.21 -28.72
CA PRO A 449 0.90 0.46 -29.18
C PRO A 449 1.27 1.95 -29.21
N ALA A 450 0.32 2.83 -29.57
CA ALA A 450 0.57 4.28 -29.78
C ALA A 450 0.69 5.05 -28.44
N THR A 451 0.01 4.65 -27.36
CA THR A 451 -0.11 5.45 -26.11
C THR A 451 0.43 4.69 -24.90
N LYS A 452 0.56 3.37 -25.00
CA LYS A 452 1.00 2.43 -23.93
C LYS A 452 0.02 2.46 -22.75
N LEU A 453 -1.23 2.79 -23.00
CA LEU A 453 -2.32 2.77 -22.01
C LEU A 453 -3.13 1.51 -22.25
N PHE A 454 -3.71 0.98 -21.19
CA PHE A 454 -4.62 -0.20 -21.17
C PHE A 454 -6.06 0.26 -21.11
N PRO A 455 -6.80 0.19 -22.20
CA PRO A 455 -8.19 0.65 -22.21
C PRO A 455 -9.10 -0.46 -21.67
N ALA A 456 -10.19 -0.07 -21.02
CA ALA A 456 -11.30 -0.99 -20.69
C ALA A 456 -12.62 -0.24 -20.94
N LYS A 457 -13.62 -0.91 -21.49
CA LYS A 457 -14.96 -0.30 -21.62
C LYS A 457 -15.60 -0.17 -20.24
N LYS A 458 -16.40 0.87 -20.01
CA LYS A 458 -17.29 0.94 -18.81
C LYS A 458 -18.08 -0.37 -18.75
N ASP A 459 -18.13 -1.00 -17.58
CA ASP A 459 -18.85 -2.26 -17.24
C ASP A 459 -18.26 -3.49 -17.96
N GLU A 460 -17.07 -3.42 -18.55
CA GLU A 460 -16.37 -4.60 -19.13
C GLU A 460 -15.97 -5.53 -17.98
N VAL A 461 -16.26 -6.83 -18.08
CA VAL A 461 -15.88 -7.77 -16.99
C VAL A 461 -14.54 -8.40 -17.32
N LEU A 462 -13.50 -7.94 -16.64
CA LEU A 462 -12.10 -8.35 -16.91
C LEU A 462 -11.61 -9.36 -15.87
N GLU A 463 -10.74 -10.26 -16.32
CA GLU A 463 -9.81 -10.96 -15.44
C GLU A 463 -8.43 -10.36 -15.73
N ILE A 464 -7.75 -9.93 -14.69
CA ILE A 464 -6.36 -9.42 -14.80
C ILE A 464 -5.48 -10.43 -14.10
N VAL A 465 -4.46 -10.94 -14.80
CA VAL A 465 -3.53 -11.95 -14.22
C VAL A 465 -2.15 -11.32 -14.17
N ILE A 466 -1.50 -11.35 -13.01
CA ILE A 466 -0.07 -10.96 -12.96
C ILE A 466 0.73 -12.26 -13.00
N GLN A 467 1.52 -12.42 -14.05
CA GLN A 467 2.32 -13.63 -14.29
C GLN A 467 3.78 -13.32 -13.99
N ASN A 468 4.26 -13.87 -12.88
CA ASN A 468 5.67 -13.79 -12.48
C ASN A 468 6.49 -14.66 -13.43
N THR A 469 7.77 -14.33 -13.63
CA THR A 469 8.70 -15.03 -14.56
C THR A 469 10.13 -14.87 -14.04
N GLY A 470 11.00 -15.78 -14.47
CA GLY A 470 12.44 -15.65 -14.23
C GLY A 470 13.02 -14.46 -14.98
N SER A 471 13.83 -13.68 -14.28
CA SER A 471 14.56 -12.50 -14.78
C SER A 471 15.44 -12.85 -15.99
N HIS A 472 15.51 -11.95 -16.98
CA HIS A 472 16.51 -12.00 -18.10
C HIS A 472 17.82 -11.28 -17.73
N TYR A 473 17.85 -10.51 -16.66
CA TYR A 473 19.06 -9.75 -16.29
C TYR A 473 20.16 -10.76 -15.94
N SER A 474 21.22 -10.81 -16.77
CA SER A 474 22.56 -11.28 -16.33
C SER A 474 22.78 -10.62 -14.96
N GLY A 475 23.39 -11.27 -13.97
CA GLY A 475 23.42 -10.61 -12.65
C GLY A 475 22.21 -10.89 -11.80
N ALA A 476 21.07 -11.36 -12.34
CA ALA A 476 19.96 -11.98 -11.58
C ALA A 476 19.24 -13.01 -12.45
N SER A 477 19.97 -13.84 -13.20
CA SER A 477 19.41 -14.66 -14.30
C SER A 477 18.52 -15.77 -13.72
N GLY A 478 17.26 -15.83 -14.17
CA GLY A 478 16.29 -16.83 -13.71
C GLY A 478 15.67 -16.52 -12.35
N ILE A 479 16.13 -15.51 -11.62
CA ILE A 479 15.58 -15.14 -10.28
C ILE A 479 14.12 -14.69 -10.39
N VAL A 480 13.33 -15.04 -9.38
CA VAL A 480 11.90 -14.62 -9.23
C VAL A 480 11.78 -13.88 -7.91
N GLU A 481 11.06 -12.76 -7.90
CA GLU A 481 10.83 -11.97 -6.68
C GLU A 481 9.33 -11.92 -6.40
N THR A 482 9.05 -11.60 -5.14
CA THR A 482 7.69 -11.36 -4.64
C THR A 482 7.42 -9.87 -4.85
N HIS A 483 6.26 -9.56 -5.38
CA HIS A 483 5.78 -8.18 -5.69
C HIS A 483 4.42 -7.94 -5.05
N PRO A 484 4.24 -6.84 -4.28
CA PRO A 484 2.91 -6.41 -3.89
C PRO A 484 2.20 -5.60 -5.00
N PHE A 485 1.19 -6.19 -5.63
CA PHE A 485 0.47 -5.57 -6.74
C PHE A 485 -0.78 -4.86 -6.24
N HIS A 486 -0.90 -3.60 -6.63
CA HIS A 486 -1.90 -2.62 -6.21
C HIS A 486 -2.61 -2.01 -7.43
N ALA A 487 -3.94 -1.90 -7.33
CA ALA A 487 -4.80 -1.17 -8.29
C ALA A 487 -5.31 0.09 -7.62
N HIS A 488 -5.06 1.23 -8.27
CA HIS A 488 -5.81 2.47 -8.01
C HIS A 488 -7.27 2.27 -8.43
N GLY A 489 -8.15 3.07 -7.83
CA GLY A 489 -9.55 3.12 -8.22
C GLY A 489 -10.34 1.99 -7.60
N GLN A 490 -11.28 1.48 -8.38
CA GLN A 490 -12.15 0.37 -7.96
C GLN A 490 -11.33 -0.81 -7.46
N HIS A 491 -11.76 -1.39 -6.35
CA HIS A 491 -11.17 -2.64 -5.82
C HIS A 491 -11.61 -3.80 -6.70
N PHE A 492 -10.75 -4.79 -6.84
CA PHE A 492 -10.98 -6.02 -7.63
C PHE A 492 -11.27 -7.15 -6.66
N TYR A 493 -11.77 -8.25 -7.21
CA TYR A 493 -11.91 -9.52 -6.47
C TYR A 493 -10.63 -10.33 -6.67
N ASP A 494 -10.04 -10.82 -5.57
CA ASP A 494 -8.87 -11.75 -5.60
C ASP A 494 -9.39 -13.17 -5.86
N VAL A 495 -9.06 -13.78 -7.00
CA VAL A 495 -9.62 -15.12 -7.37
C VAL A 495 -8.47 -16.12 -7.46
N GLY A 496 -7.32 -15.78 -6.90
CA GLY A 496 -6.38 -16.81 -6.47
C GLY A 496 -4.94 -16.55 -6.86
N SER A 497 -4.15 -17.56 -6.63
CA SER A 497 -2.68 -17.50 -6.81
C SER A 497 -2.16 -18.94 -6.85
N GLY A 498 -0.95 -19.09 -7.35
CA GLY A 498 -0.31 -20.40 -7.31
C GLY A 498 1.02 -20.35 -8.04
N PRO A 499 1.74 -21.49 -7.99
CA PRO A 499 3.00 -21.64 -8.70
C PRO A 499 2.80 -21.77 -10.22
N GLY A 500 3.91 -21.61 -10.93
CA GLY A 500 3.99 -21.91 -12.39
C GLY A 500 3.25 -20.88 -13.23
N LYS A 501 2.59 -21.38 -14.25
CA LYS A 501 1.82 -20.61 -15.24
C LYS A 501 0.35 -20.64 -14.85
N TYR A 502 -0.31 -19.50 -14.89
CA TYR A 502 -1.76 -19.41 -14.65
C TYR A 502 -2.48 -20.35 -15.63
N ASP A 503 -3.34 -21.19 -15.11
CA ASP A 503 -4.22 -22.09 -15.90
C ASP A 503 -5.64 -21.77 -15.49
N PRO A 504 -6.38 -21.02 -16.36
CA PRO A 504 -7.71 -20.53 -16.00
C PRO A 504 -8.70 -21.69 -15.84
N GLU A 505 -8.60 -22.72 -16.68
CA GLU A 505 -9.53 -23.87 -16.63
C GLU A 505 -9.40 -24.57 -15.25
N ALA A 506 -8.16 -24.80 -14.79
CA ALA A 506 -7.85 -25.41 -13.47
C ALA A 506 -8.30 -24.48 -12.33
N ASN A 507 -8.12 -23.15 -12.47
CA ASN A 507 -8.44 -22.24 -11.33
C ASN A 507 -9.97 -22.20 -11.18
N ASN A 508 -10.67 -22.11 -12.32
CA ASN A 508 -12.15 -22.07 -12.35
C ASN A 508 -12.66 -23.33 -11.66
N ALA A 509 -11.99 -24.45 -11.90
CA ALA A 509 -12.39 -25.76 -11.33
C ALA A 509 -12.14 -25.73 -9.83
N LYS A 510 -11.01 -25.12 -9.44
CA LYS A 510 -10.65 -24.97 -8.02
C LYS A 510 -11.73 -24.13 -7.29
N LEU A 511 -12.00 -22.91 -7.82
CA LEU A 511 -12.97 -21.97 -7.20
C LEU A 511 -14.31 -22.69 -7.03
N ALA A 512 -14.75 -23.40 -8.05
CA ALA A 512 -16.05 -24.10 -8.06
C ALA A 512 -16.06 -25.22 -7.01
N SER A 513 -15.01 -26.03 -6.91
CA SER A 513 -14.91 -27.15 -5.94
C SER A 513 -14.97 -26.60 -4.51
N LEU A 514 -14.33 -25.45 -4.25
CA LEU A 514 -14.32 -24.82 -2.92
C LEU A 514 -15.65 -24.08 -2.64
N GLY A 515 -16.49 -23.76 -3.63
CA GLY A 515 -17.58 -22.77 -3.46
C GLY A 515 -17.03 -21.47 -2.88
N TYR A 516 -15.87 -21.05 -3.36
CA TYR A 516 -15.16 -19.89 -2.78
C TYR A 516 -15.92 -18.62 -3.20
N ARG A 517 -16.15 -17.73 -2.23
CA ARG A 517 -16.76 -16.39 -2.39
CA ARG A 517 -16.76 -16.39 -2.43
C ARG A 517 -15.67 -15.36 -2.16
N PRO A 518 -15.02 -14.87 -3.24
CA PRO A 518 -13.89 -13.96 -3.11
C PRO A 518 -14.28 -12.63 -2.49
N ILE A 519 -13.30 -11.96 -1.92
CA ILE A 519 -13.47 -10.59 -1.36
C ILE A 519 -12.80 -9.56 -2.27
N LYS A 520 -13.24 -8.33 -2.12
CA LYS A 520 -12.60 -7.19 -2.78
C LYS A 520 -11.33 -6.87 -2.02
N ARG A 521 -10.31 -6.53 -2.80
CA ARG A 521 -9.00 -6.08 -2.30
C ARG A 521 -8.50 -4.94 -3.19
N ASP A 522 -7.44 -4.30 -2.77
CA ASP A 522 -6.75 -3.37 -3.68
C ASP A 522 -5.26 -3.70 -3.70
N THR A 523 -4.76 -4.58 -2.83
CA THR A 523 -3.34 -5.00 -2.87
C THR A 523 -3.20 -6.48 -2.55
N THR A 524 -2.59 -7.22 -3.46
CA THR A 524 -2.31 -8.66 -3.27
C THR A 524 -0.87 -8.99 -3.68
N MET A 525 -0.26 -9.92 -2.95
CA MET A 525 1.10 -10.36 -3.31
C MET A 525 1.07 -11.26 -4.55
N VAL A 526 2.11 -11.12 -5.36
CA VAL A 526 2.48 -12.03 -6.47
C VAL A 526 3.76 -12.65 -5.98
N TYR A 527 3.68 -13.91 -5.61
CA TYR A 527 4.71 -14.57 -4.79
C TYR A 527 5.76 -15.22 -5.68
N ARG A 528 6.93 -15.44 -5.11
CA ARG A 528 7.87 -16.45 -5.61
C ARG A 528 7.53 -17.76 -4.92
N TYR A 529 7.85 -18.85 -5.59
CA TYR A 529 7.56 -20.23 -5.16
C TYR A 529 8.86 -21.05 -5.18
N GLY A 530 9.02 -21.97 -4.24
CA GLY A 530 10.16 -22.90 -4.17
C GLY A 530 11.46 -22.14 -4.02
N GLU A 531 12.47 -22.45 -4.83
CA GLU A 531 13.81 -21.80 -4.73
C GLU A 531 13.81 -20.41 -5.35
N GLY A 532 12.73 -20.04 -6.07
CA GLY A 532 12.56 -18.72 -6.72
C GLY A 532 13.56 -18.53 -7.84
N LYS A 533 13.91 -19.61 -8.54
CA LYS A 533 14.89 -19.55 -9.67
C LYS A 533 14.46 -20.53 -10.77
N VAL A 534 14.16 -20.00 -11.95
CA VAL A 534 13.67 -20.81 -13.08
C VAL A 534 14.51 -20.40 -14.29
N ALA A 535 14.19 -20.87 -15.48
CA ALA A 535 14.85 -20.40 -16.73
C ALA A 535 14.42 -18.94 -16.96
N PRO A 536 15.29 -18.09 -17.57
CA PRO A 536 14.90 -16.72 -17.88
C PRO A 536 13.58 -16.78 -18.66
N GLY A 537 12.56 -16.00 -18.28
CA GLY A 537 11.29 -15.88 -19.02
C GLY A 537 10.29 -17.00 -18.74
N GLU A 538 10.66 -18.00 -17.94
CA GLU A 538 9.75 -19.11 -17.55
C GLU A 538 8.72 -18.61 -16.53
N PRO A 539 7.43 -18.93 -16.69
CA PRO A 539 6.40 -18.54 -15.73
C PRO A 539 6.66 -19.21 -14.38
N ALA A 540 6.56 -18.46 -13.31
CA ALA A 540 7.00 -18.88 -11.96
C ALA A 540 6.16 -18.19 -10.90
N GLY A 541 4.84 -18.34 -11.01
CA GLY A 541 3.91 -17.84 -9.98
C GLY A 541 2.97 -16.82 -10.57
N TRP A 542 1.73 -16.81 -10.09
CA TRP A 542 0.70 -15.92 -10.65
C TRP A 542 -0.29 -15.48 -9.57
N ARG A 543 -1.00 -14.41 -9.90
CA ARG A 543 -2.12 -13.83 -9.12
C ARG A 543 -3.23 -13.51 -10.12
N ALA A 544 -4.48 -13.85 -9.80
CA ALA A 544 -5.63 -13.55 -10.68
C ALA A 544 -6.63 -12.64 -9.96
N TRP A 545 -7.06 -11.61 -10.67
CA TRP A 545 -8.09 -10.63 -10.24
C TRP A 545 -9.28 -10.71 -11.17
N ARG A 546 -10.45 -10.38 -10.64
CA ARG A 546 -11.59 -10.08 -11.52
C ARG A 546 -12.24 -8.78 -11.11
N MET A 547 -12.74 -8.06 -12.08
CA MET A 547 -13.43 -6.78 -11.78
C MET A 547 -14.34 -6.46 -12.95
N LYS A 548 -15.55 -6.03 -12.62
CA LYS A 548 -16.43 -5.34 -13.59
C LYS A 548 -16.10 -3.84 -13.51
N MET A 549 -15.55 -3.29 -14.59
CA MET A 549 -14.88 -1.94 -14.55
C MET A 549 -15.95 -0.85 -14.55
N ASN A 550 -16.32 -0.35 -13.38
CA ASN A 550 -17.55 0.48 -13.21
C ASN A 550 -17.17 1.96 -13.10
N ASN A 551 -15.88 2.30 -12.97
CA ASN A 551 -15.43 3.64 -12.51
C ASN A 551 -14.59 4.29 -13.59
N PRO A 552 -15.23 5.12 -14.47
CA PRO A 552 -14.48 5.79 -15.52
C PRO A 552 -13.32 6.63 -14.96
N GLY A 553 -12.20 6.58 -15.64
CA GLY A 553 -11.08 7.47 -15.25
C GLY A 553 -9.77 6.83 -15.60
N VAL A 554 -8.72 7.29 -14.93
CA VAL A 554 -7.33 6.90 -15.27
C VAL A 554 -6.67 6.34 -14.00
N TRP A 555 -6.44 5.03 -14.00
CA TRP A 555 -6.15 4.25 -12.78
C TRP A 555 -4.85 3.48 -12.98
N MET A 556 -3.84 3.76 -12.17
CA MET A 556 -2.57 2.99 -12.21
C MET A 556 -2.75 1.63 -11.56
N VAL A 557 -2.10 0.63 -12.15
CA VAL A 557 -1.93 -0.75 -11.57
C VAL A 557 -0.43 -1.04 -11.61
N HIS A 558 0.14 -1.34 -10.45
CA HIS A 558 1.60 -1.28 -10.29
C HIS A 558 2.06 -2.10 -9.09
N CYS A 559 3.33 -2.49 -9.17
CA CYS A 559 4.02 -3.08 -8.03
C CYS A 559 4.18 -1.96 -7.02
N HIS A 560 3.90 -2.22 -5.74
CA HIS A 560 3.99 -1.18 -4.70
C HIS A 560 5.40 -1.09 -4.11
N ILE A 561 6.39 -1.80 -4.62
CA ILE A 561 7.81 -1.58 -4.22
C ILE A 561 8.30 -0.32 -4.96
N LEU A 562 8.66 0.73 -4.23
CA LEU A 562 9.00 2.05 -4.83
C LEU A 562 10.11 1.93 -5.87
N ALA A 563 11.15 1.15 -5.61
CA ALA A 563 12.29 0.98 -6.53
C ALA A 563 11.83 0.33 -7.86
N HIS A 564 10.83 -0.56 -7.81
CA HIS A 564 10.30 -1.26 -9.01
C HIS A 564 9.44 -0.30 -9.82
N MET A 565 8.75 0.60 -9.14
CA MET A 565 7.99 1.69 -9.79
C MET A 565 8.98 2.61 -10.52
N ILE A 566 10.10 2.95 -9.88
CA ILE A 566 11.16 3.79 -10.53
C ILE A 566 11.65 3.09 -11.79
N MET A 567 11.74 1.76 -11.72
CA MET A 567 12.30 0.90 -12.78
C MET A 567 11.21 0.53 -13.80
N GLY A 568 9.99 1.04 -13.62
CA GLY A 568 8.94 1.05 -14.66
C GLY A 568 7.85 0.00 -14.44
N MET A 569 7.72 -0.58 -13.25
CA MET A 569 6.72 -1.67 -13.01
C MET A 569 5.33 -1.04 -12.76
N GLU A 570 4.83 -0.28 -13.73
CA GLU A 570 3.51 0.40 -13.66
C GLU A 570 2.76 0.19 -14.95
N THR A 571 1.45 0.26 -14.87
CA THR A 571 0.55 0.30 -16.04
C THR A 571 -0.51 1.34 -15.75
N ILE A 572 -1.01 2.02 -16.78
CA ILE A 572 -2.11 3.01 -16.62
C ILE A 572 -3.32 2.46 -17.37
N TRP A 573 -4.44 2.32 -16.69
CA TRP A 573 -5.73 1.84 -17.23
C TRP A 573 -6.63 3.06 -17.46
N VAL A 574 -7.24 3.13 -18.63
CA VAL A 574 -8.24 4.17 -18.96
C VAL A 574 -9.57 3.42 -19.12
N VAL A 575 -10.46 3.63 -18.16
CA VAL A 575 -11.78 2.97 -18.12
C VAL A 575 -12.81 3.94 -18.71
N GLY A 576 -13.58 3.47 -19.65
CA GLY A 576 -14.70 4.18 -20.26
C GLY A 576 -14.27 4.92 -21.51
N ASP A 577 -15.24 5.56 -22.16
CA ASP A 577 -15.00 6.50 -23.28
C ASP A 577 -14.74 7.91 -22.71
N ALA A 578 -14.30 8.84 -23.54
CA ALA A 578 -14.04 10.22 -23.08
C ALA A 578 -15.35 10.78 -22.49
N GLU A 579 -16.52 10.52 -23.09
CA GLU A 579 -17.84 10.99 -22.58
C GLU A 579 -18.07 10.51 -21.14
N ASP A 580 -17.58 9.33 -20.76
CA ASP A 580 -17.72 8.81 -19.38
C ASP A 580 -16.81 9.57 -18.39
N ILE A 581 -15.70 10.17 -18.86
CA ILE A 581 -14.72 10.84 -17.96
C ILE A 581 -14.97 12.35 -17.88
N VAL A 582 -15.18 12.99 -19.02
CA VAL A 582 -15.26 14.47 -19.08
C VAL A 582 -16.60 14.90 -18.47
N THR A 583 -17.59 14.02 -18.31
CA THR A 583 -18.88 14.37 -17.64
C THR A 583 -18.70 14.29 -16.12
N ILE A 584 -17.56 13.85 -15.61
CA ILE A 584 -17.33 13.90 -14.14
C ILE A 584 -16.83 15.30 -13.84
N PRO A 585 -17.62 16.10 -13.09
CA PRO A 585 -17.31 17.52 -12.94
C PRO A 585 -15.91 17.71 -12.34
N LEU A 586 -15.10 18.60 -12.92
CA LEU A 586 -13.74 18.97 -12.47
C LEU A 586 -13.92 20.08 -11.43
N SER A 587 -13.80 19.81 -10.15
CA SER A 587 -14.18 20.78 -9.10
C SER A 587 -12.96 21.57 -8.66
N VAL A 588 -11.93 21.65 -9.50
CA VAL A 588 -10.70 22.40 -9.16
C VAL A 588 -10.50 23.50 -10.20
N SER A 589 -9.67 24.48 -9.89
CA SER A 589 -9.41 25.70 -10.70
C SER A 589 -8.62 25.34 -11.96
N GLN A 590 -8.49 26.30 -12.88
CA GLN A 590 -7.91 26.10 -14.24
C GLN A 590 -6.42 25.76 -14.14
N ASN A 591 -5.74 26.08 -13.04
CA ASN A 591 -4.31 25.69 -12.85
C ASN A 591 -4.12 24.18 -12.88
N TYR A 592 -5.19 23.39 -12.76
CA TYR A 592 -5.15 21.91 -12.92
C TYR A 592 -4.54 21.52 -14.28
N PHE A 593 -4.78 22.33 -15.32
CA PHE A 593 -4.43 22.04 -16.73
C PHE A 593 -2.94 22.27 -17.01
N THR A 594 -2.19 23.00 -16.16
CA THR A 594 -0.78 23.38 -16.47
C THR A 594 0.11 23.20 -15.23
N TYR A 595 1.38 22.91 -15.46
CA TYR A 595 2.38 22.81 -14.37
C TYR A 595 2.80 24.23 -13.95
N GLY A 596 2.70 24.56 -12.67
CA GLY A 596 3.46 25.69 -12.10
C GLY A 596 2.72 26.43 -11.01
N GLY A 597 1.39 26.32 -11.00
CA GLY A 597 0.53 27.07 -10.04
C GLY A 597 -0.19 26.18 -9.04
N SER A 598 -0.83 26.80 -8.04
CA SER A 598 -1.63 26.10 -7.02
C SER A 598 -2.99 25.74 -7.62
N VAL A 599 -3.51 24.57 -7.27
CA VAL A 599 -4.83 24.09 -7.76
C VAL A 599 -5.83 24.17 -6.62
N TYR A 600 -6.82 25.04 -6.74
CA TYR A 600 -7.72 25.26 -5.57
C TYR A 600 -9.11 24.70 -5.86
N GLY A 601 -9.80 24.32 -4.80
CA GLY A 601 -11.13 23.71 -4.92
C GLY A 601 -12.20 24.75 -5.16
N ASN A 602 -13.41 24.25 -5.43
CA ASN A 602 -14.63 25.00 -5.79
C ASN A 602 -15.84 24.44 -5.02
#